data_9D2S
#
_entry.id   9D2S
#
_cell.length_a   106.376
_cell.length_b   39.132
_cell.length_c   56.631
_cell.angle_alpha   90.000
_cell.angle_beta   117.016
_cell.angle_gamma   90.000
#
_symmetry.space_group_name_H-M   'C 1 2 1'
#
loop_
_entity.id
_entity.type
_entity.pdbx_description
1 polymer 'L-threonine dehydratase biosynthetic IlvA'
2 non-polymer ISOLEUCINE
3 non-polymer GLYCEROL
4 water water
#
_entity_poly.entity_id   1
_entity_poly.type   'polypeptide(L)'
_entity_poly.pdbx_seq_one_letter_code
;MGSSHHHHHHSSGLVPRGSHEQREALLAVTIPEEKGSALKFCQLLGGRSVTEFNYRFADAKNACIFVGVRLSRGLEERKE
ILQMLNDGGYSVVDLSDDEMAKLHVRYMVGGRPSHPLQERLYSFEFPESPGALLRFLNTLGTYWNISLFHYRSHGTDYGR
VLAAFELGDHEPDFETRLNELGYDCHDETNNPAFRFFLAG
;
_entity_poly.pdbx_strand_id   A
#
loop_
_chem_comp.id
_chem_comp.type
_chem_comp.name
_chem_comp.formula
GOL non-polymer GLYCEROL 'C3 H8 O3'
#
# COMPACT_ATOMS: atom_id res chain seq x y z
N SER A 19 -12.28 11.99 -23.46
CA SER A 19 -11.15 12.50 -22.71
C SER A 19 -10.65 11.44 -21.73
N HIS A 20 -9.47 11.67 -21.16
CA HIS A 20 -8.86 10.71 -20.26
C HIS A 20 -8.33 11.45 -19.04
N GLU A 21 -8.30 10.75 -17.92
CA GLU A 21 -7.66 11.28 -16.73
C GLU A 21 -6.18 11.48 -16.98
N GLN A 22 -5.68 12.67 -16.62
CA GLN A 22 -4.29 13.02 -16.88
C GLN A 22 -3.42 13.17 -15.65
N ARG A 23 -4.02 13.34 -14.45
CA ARG A 23 -3.24 13.71 -13.27
C ARG A 23 -2.69 12.52 -12.50
N GLU A 24 -3.33 11.36 -12.61
CA GLU A 24 -2.87 10.20 -11.86
C GLU A 24 -3.26 8.93 -12.61
N ALA A 25 -2.46 7.90 -12.38
CA ALA A 25 -2.76 6.55 -12.82
C ALA A 25 -3.36 5.82 -11.63
N LEU A 26 -4.51 5.18 -11.81
CA LEU A 26 -5.14 4.36 -10.76
C LEU A 26 -5.18 2.94 -11.24
N LEU A 27 -4.66 2.03 -10.45
CA LEU A 27 -4.35 0.69 -10.90
C LEU A 27 -4.85 -0.34 -9.90
N ALA A 28 -5.47 -1.41 -10.40
CA ALA A 28 -5.78 -2.56 -9.59
C ALA A 28 -4.74 -3.61 -9.94
N VAL A 29 -3.92 -3.99 -8.97
CA VAL A 29 -2.79 -4.88 -9.20
C VAL A 29 -2.94 -6.13 -8.36
N THR A 30 -2.64 -7.28 -8.96
CA THR A 30 -2.53 -8.51 -8.20
C THR A 30 -1.06 -8.76 -7.92
N ILE A 31 -0.72 -9.01 -6.66
CA ILE A 31 0.65 -9.38 -6.30
C ILE A 31 0.59 -10.59 -5.39
N PRO A 32 1.68 -11.34 -5.28
CA PRO A 32 1.63 -12.52 -4.41
C PRO A 32 1.37 -12.16 -2.95
N GLU A 33 0.56 -12.99 -2.29
CA GLU A 33 0.26 -12.79 -0.85
C GLU A 33 1.36 -13.51 -0.07
N GLU A 34 2.48 -12.80 0.10
CA GLU A 34 3.65 -13.35 0.77
C GLU A 34 4.52 -12.19 1.27
N LYS A 35 5.37 -12.50 2.24
CA LYS A 35 6.25 -11.48 2.79
C LYS A 35 7.09 -10.87 1.68
N GLY A 36 7.27 -9.57 1.72
CA GLY A 36 8.12 -8.89 0.79
C GLY A 36 7.53 -8.59 -0.56
N SER A 37 6.28 -8.96 -0.80
CA SER A 37 5.69 -8.76 -2.12
CA SER A 37 5.71 -8.75 -2.14
C SER A 37 5.41 -7.28 -2.41
N ALA A 38 4.95 -6.53 -1.41
CA ALA A 38 4.70 -5.10 -1.63
C ALA A 38 6.00 -4.38 -1.98
N LEU A 39 7.06 -4.69 -1.26
CA LEU A 39 8.36 -4.09 -1.50
C LEU A 39 8.81 -4.40 -2.93
N LYS A 40 8.72 -5.66 -3.35
CA LYS A 40 9.16 -6.03 -4.70
C LYS A 40 8.38 -5.29 -5.76
N PHE A 41 7.07 -5.13 -5.56
CA PHE A 41 6.27 -4.40 -6.52
C PHE A 41 6.68 -2.93 -6.56
N CYS A 42 6.85 -2.29 -5.39
CA CYS A 42 7.26 -0.90 -5.39
C CYS A 42 8.65 -0.68 -5.91
N GLN A 43 9.52 -1.68 -5.81
CA GLN A 43 10.84 -1.56 -6.46
C GLN A 43 10.67 -1.36 -7.95
N LEU A 44 9.73 -2.07 -8.57
CA LEU A 44 9.52 -1.92 -10.00
C LEU A 44 8.98 -0.53 -10.33
N LEU A 45 8.07 0.00 -9.49
CA LEU A 45 7.61 1.36 -9.67
C LEU A 45 8.72 2.38 -9.51
N GLY A 46 9.71 2.09 -8.68
CA GLY A 46 10.91 2.91 -8.65
C GLY A 46 10.65 4.30 -8.12
N GLY A 47 11.35 5.27 -8.70
CA GLY A 47 11.38 6.63 -8.18
C GLY A 47 10.22 7.45 -8.68
N ARG A 48 9.02 6.94 -8.47
CA ARG A 48 7.79 7.60 -8.83
C ARG A 48 7.07 8.06 -7.57
N SER A 49 6.13 8.98 -7.75
CA SER A 49 5.33 9.52 -6.66
C SER A 49 4.12 8.63 -6.54
N VAL A 50 4.29 7.58 -5.75
CA VAL A 50 3.19 6.66 -5.48
C VAL A 50 2.40 7.30 -4.36
N THR A 51 1.18 7.74 -4.68
CA THR A 51 0.33 8.54 -3.82
C THR A 51 -0.85 7.79 -3.21
N GLU A 52 -1.08 6.53 -3.56
CA GLU A 52 -2.12 5.73 -2.91
C GLU A 52 -1.71 4.27 -2.93
N PHE A 53 -1.95 3.56 -1.84
CA PHE A 53 -1.60 2.15 -1.78
C PHE A 53 -2.49 1.51 -0.73
N ASN A 54 -3.53 0.81 -1.16
CA ASN A 54 -4.55 0.29 -0.26
C ASN A 54 -4.72 -1.20 -0.46
N TYR A 55 -4.80 -1.93 0.66
CA TYR A 55 -4.83 -3.37 0.63
C TYR A 55 -5.33 -3.88 1.97
N ARG A 56 -5.97 -5.03 1.94
CA ARG A 56 -6.24 -5.74 3.17
C ARG A 56 -6.23 -7.22 2.85
N PHE A 57 -5.54 -8.01 3.68
CA PHE A 57 -5.49 -9.44 3.50
C PHE A 57 -6.89 -10.00 3.24
N ALA A 58 -7.01 -10.78 2.17
CA ALA A 58 -8.25 -11.41 1.75
C ALA A 58 -7.92 -12.84 1.36
N ASP A 59 -7.61 -13.06 0.08
CA ASP A 59 -7.19 -14.38 -0.41
C ASP A 59 -5.78 -14.69 0.02
N ALA A 60 -5.52 -15.95 0.40
CA ALA A 60 -4.21 -16.33 0.90
C ALA A 60 -3.16 -16.52 -0.20
N LYS A 61 -3.56 -16.55 -1.47
CA LYS A 61 -2.62 -16.70 -2.57
C LYS A 61 -2.32 -15.39 -3.29
N ASN A 62 -3.36 -14.63 -3.65
CA ASN A 62 -3.21 -13.44 -4.49
C ASN A 62 -3.76 -12.24 -3.72
N ALA A 63 -2.91 -11.26 -3.49
CA ALA A 63 -3.33 -10.02 -2.86
C ALA A 63 -3.78 -9.04 -3.94
N CYS A 64 -4.75 -8.19 -3.57
CA CYS A 64 -5.32 -7.20 -4.45
C CYS A 64 -4.97 -5.82 -3.92
N ILE A 65 -4.27 -5.02 -4.71
CA ILE A 65 -3.81 -3.71 -4.26
C ILE A 65 -4.44 -2.64 -5.14
N PHE A 66 -4.87 -1.54 -4.52
CA PHE A 66 -5.26 -0.34 -5.24
C PHE A 66 -4.11 0.65 -5.17
N VAL A 67 -3.55 1.01 -6.32
CA VAL A 67 -2.35 1.83 -6.38
C VAL A 67 -2.66 3.09 -7.18
N GLY A 68 -2.24 4.22 -6.66
CA GLY A 68 -2.31 5.49 -7.39
C GLY A 68 -0.93 6.05 -7.56
N VAL A 69 -0.67 6.60 -8.76
CA VAL A 69 0.62 7.21 -9.08
C VAL A 69 0.37 8.58 -9.66
N ARG A 70 1.01 9.60 -9.11
CA ARG A 70 0.90 10.94 -9.67
C ARG A 70 1.67 11.02 -10.97
N LEU A 71 1.08 11.67 -11.97
CA LEU A 71 1.68 11.76 -13.28
C LEU A 71 2.07 13.19 -13.60
N SER A 72 3.07 13.34 -14.47
CA SER A 72 3.40 14.61 -15.08
C SER A 72 3.23 14.61 -16.60
N ARG A 73 3.16 13.44 -17.23
CA ARG A 73 3.02 13.30 -18.67
C ARG A 73 1.77 12.52 -19.03
N GLY A 74 0.76 12.57 -18.16
CA GLY A 74 -0.58 12.24 -18.56
C GLY A 74 -0.73 10.82 -19.06
N LEU A 75 -1.62 10.68 -20.06
CA LEU A 75 -1.97 9.37 -20.58
C LEU A 75 -0.75 8.60 -21.04
N GLU A 76 0.20 9.25 -21.72
CA GLU A 76 1.40 8.54 -22.15
C GLU A 76 2.13 7.92 -20.97
N GLU A 77 2.28 8.68 -19.88
CA GLU A 77 2.97 8.15 -18.71
C GLU A 77 2.17 7.02 -18.07
N ARG A 78 0.85 7.14 -18.05
CA ARG A 78 0.02 6.03 -17.58
C ARG A 78 0.30 4.78 -18.38
N LYS A 79 0.35 4.92 -19.71
CA LYS A 79 0.62 3.79 -20.59
C LYS A 79 2.00 3.22 -20.33
N GLU A 80 2.99 4.06 -20.07
CA GLU A 80 4.33 3.56 -19.76
C GLU A 80 4.33 2.74 -18.48
N ILE A 81 3.62 3.19 -17.45
CA ILE A 81 3.54 2.44 -16.19
C ILE A 81 2.85 1.11 -16.41
N LEU A 82 1.74 1.11 -17.14
CA LEU A 82 1.04 -0.14 -17.41
C LEU A 82 1.93 -1.11 -18.16
N GLN A 83 2.66 -0.64 -19.17
CA GLN A 83 3.54 -1.51 -19.92
C GLN A 83 4.63 -2.06 -19.02
N MET A 84 5.24 -1.21 -18.21
CA MET A 84 6.31 -1.64 -17.32
C MET A 84 5.82 -2.72 -16.36
N LEU A 85 4.65 -2.54 -15.78
CA LEU A 85 4.13 -3.53 -14.85
C LEU A 85 3.84 -4.85 -15.55
N ASN A 86 3.22 -4.81 -16.73
CA ASN A 86 2.99 -6.03 -17.50
C ASN A 86 4.31 -6.70 -17.87
N ASP A 87 5.29 -5.91 -18.30
CA ASP A 87 6.58 -6.50 -18.66
C ASP A 87 7.30 -7.10 -17.46
N GLY A 88 6.97 -6.62 -16.27
CA GLY A 88 7.46 -7.17 -15.03
C GLY A 88 6.71 -8.37 -14.54
N GLY A 89 5.68 -8.80 -15.27
CA GLY A 89 4.93 -9.97 -14.90
C GLY A 89 3.82 -9.75 -13.91
N TYR A 90 3.30 -8.52 -13.80
CA TYR A 90 2.16 -8.24 -12.93
C TYR A 90 0.88 -8.09 -13.75
N SER A 91 -0.19 -8.66 -13.23
CA SER A 91 -1.54 -8.45 -13.71
C SER A 91 -2.07 -7.15 -13.15
N VAL A 92 -2.44 -6.24 -14.04
CA VAL A 92 -2.91 -4.91 -13.69
C VAL A 92 -4.12 -4.54 -14.52
N VAL A 93 -5.10 -3.95 -13.87
CA VAL A 93 -6.28 -3.40 -14.53
C VAL A 93 -6.21 -1.90 -14.37
N ASP A 94 -6.33 -1.18 -15.46
CA ASP A 94 -6.32 0.28 -15.46
C ASP A 94 -7.67 0.80 -15.01
N LEU A 95 -7.68 1.50 -13.88
CA LEU A 95 -8.89 2.09 -13.32
C LEU A 95 -8.89 3.61 -13.44
N SER A 96 -7.94 4.17 -14.19
CA SER A 96 -7.73 5.61 -14.20
C SER A 96 -8.93 6.35 -14.73
N ASP A 97 -9.71 5.75 -15.63
CA ASP A 97 -10.88 6.38 -16.22
C ASP A 97 -12.17 5.80 -15.67
N ASP A 98 -12.10 5.04 -14.59
CA ASP A 98 -13.25 4.34 -14.04
C ASP A 98 -13.91 5.21 -12.97
N GLU A 99 -15.09 5.72 -13.28
CA GLU A 99 -15.73 6.67 -12.37
C GLU A 99 -16.03 6.07 -11.00
N MET A 100 -16.48 4.81 -10.96
CA MET A 100 -16.78 4.22 -9.66
C MET A 100 -15.51 4.00 -8.85
N ALA A 101 -14.38 3.67 -9.51
CA ALA A 101 -13.13 3.57 -8.76
C ALA A 101 -12.75 4.92 -8.16
N LYS A 102 -12.89 5.98 -8.94
CA LYS A 102 -12.45 7.30 -8.51
C LYS A 102 -13.33 7.87 -7.43
N LEU A 103 -14.63 7.62 -7.50
CA LEU A 103 -15.56 8.21 -6.55
C LEU A 103 -15.81 7.35 -5.33
N HIS A 104 -15.72 6.02 -5.47
CA HIS A 104 -16.15 5.14 -4.41
C HIS A 104 -15.11 4.10 -4.04
N VAL A 105 -14.68 3.27 -4.99
CA VAL A 105 -14.00 2.05 -4.60
C VAL A 105 -12.63 2.29 -3.99
N ARG A 106 -11.96 3.36 -4.35
CA ARG A 106 -10.67 3.64 -3.70
C ARG A 106 -10.83 3.91 -2.21
N TYR A 107 -12.07 4.14 -1.74
CA TYR A 107 -12.42 4.37 -0.34
C TYR A 107 -13.07 3.16 0.29
N MET A 108 -12.90 1.98 -0.31
CA MET A 108 -13.59 0.78 0.12
C MET A 108 -12.68 -0.45 0.14
N VAL A 109 -11.36 -0.25 0.24
CA VAL A 109 -10.42 -1.37 0.31
C VAL A 109 -10.20 -1.74 1.77
N GLY A 110 -10.81 -2.84 2.17
CA GLY A 110 -10.85 -3.25 3.57
C GLY A 110 -11.38 -4.66 3.72
N GLY A 111 -12.29 -4.86 4.68
CA GLY A 111 -12.83 -6.18 4.96
C GLY A 111 -12.09 -6.89 6.06
N ARG A 112 -12.62 -8.01 6.41
CA ARG A 112 -11.99 -8.93 7.36
C ARG A 112 -11.29 -10.06 6.61
N PRO A 113 -10.20 -10.59 7.17
CA PRO A 113 -9.42 -11.59 6.43
C PRO A 113 -10.17 -12.91 6.26
N SER A 114 -9.76 -13.66 5.24
CA SER A 114 -10.44 -14.91 4.91
C SER A 114 -10.20 -15.99 5.96
N HIS A 115 -9.15 -15.88 6.76
CA HIS A 115 -8.96 -16.75 7.92
C HIS A 115 -8.49 -15.87 9.06
N PRO A 116 -8.67 -16.30 10.31
CA PRO A 116 -8.34 -15.43 11.44
C PRO A 116 -6.86 -15.07 11.45
N LEU A 117 -6.56 -13.81 11.74
CA LEU A 117 -5.19 -13.35 11.84
C LEU A 117 -4.90 -12.82 13.23
N GLN A 118 -3.63 -12.92 13.63
CA GLN A 118 -3.13 -12.25 14.83
C GLN A 118 -2.29 -11.07 14.38
N GLU A 119 -2.84 -9.87 14.55
CA GLU A 119 -2.26 -8.69 13.93
C GLU A 119 -1.80 -7.67 14.95
N ARG A 120 -0.80 -6.90 14.57
CA ARG A 120 -0.40 -5.69 15.25
C ARG A 120 -0.55 -4.55 14.26
N LEU A 121 -1.18 -3.47 14.70
CA LEU A 121 -1.53 -2.33 13.85
C LEU A 121 -0.70 -1.13 14.28
N TYR A 122 -0.17 -0.39 13.29
CA TYR A 122 0.62 0.78 13.56
C TYR A 122 0.25 1.89 12.61
N SER A 123 0.41 3.11 13.08
CA SER A 123 0.39 4.28 12.21
C SER A 123 1.83 4.77 12.04
N PHE A 124 2.10 5.28 10.85
CA PHE A 124 3.42 5.79 10.51
C PHE A 124 3.26 7.09 9.73
N GLU A 125 4.33 7.88 9.72
CA GLU A 125 4.44 9.03 8.82
C GLU A 125 5.80 8.99 8.14
N PHE A 126 5.84 9.33 6.85
CA PHE A 126 7.06 9.37 6.04
C PHE A 126 7.09 10.67 5.23
N PRO A 127 8.27 11.23 5.01
CA PRO A 127 8.36 12.46 4.20
C PRO A 127 8.07 12.16 2.74
N GLU A 128 7.21 12.97 2.12
CA GLU A 128 6.77 12.73 0.76
C GLU A 128 7.75 13.27 -0.27
N SER A 129 8.11 12.44 -1.22
CA SER A 129 8.93 12.79 -2.37
C SER A 129 8.90 11.57 -3.29
N PRO A 130 9.36 11.69 -4.53
CA PRO A 130 9.40 10.50 -5.40
C PRO A 130 10.19 9.36 -4.77
N GLY A 131 9.62 8.15 -4.83
CA GLY A 131 10.23 6.98 -4.24
C GLY A 131 10.02 6.82 -2.74
N ALA A 132 9.25 7.71 -2.09
CA ALA A 132 9.19 7.67 -0.64
C ALA A 132 8.48 6.42 -0.13
N LEU A 133 7.41 5.99 -0.80
CA LEU A 133 6.73 4.80 -0.30
C LEU A 133 7.64 3.58 -0.41
N LEU A 134 8.37 3.47 -1.52
CA LEU A 134 9.35 2.41 -1.70
C LEU A 134 10.37 2.43 -0.58
N ARG A 135 10.93 3.61 -0.28
CA ARG A 135 11.93 3.70 0.79
C ARG A 135 11.34 3.33 2.14
N PHE A 136 10.09 3.69 2.39
CA PHE A 136 9.43 3.33 3.63
C PHE A 136 9.22 1.83 3.72
N LEU A 137 8.72 1.20 2.65
CA LEU A 137 8.54 -0.25 2.67
C LEU A 137 9.86 -0.97 2.88
N ASN A 138 10.94 -0.51 2.26
CA ASN A 138 12.22 -1.15 2.50
C ASN A 138 12.66 -0.94 3.94
N THR A 139 12.42 0.24 4.51
CA THR A 139 12.81 0.50 5.88
C THR A 139 12.07 -0.42 6.86
N LEU A 140 10.79 -0.67 6.61
CA LEU A 140 10.05 -1.61 7.43
C LEU A 140 10.73 -2.97 7.43
N GLY A 141 11.24 -3.37 6.26
CA GLY A 141 11.72 -4.72 6.06
C GLY A 141 10.59 -5.67 5.79
N THR A 142 10.96 -6.94 5.59
CA THR A 142 10.03 -7.96 5.12
C THR A 142 9.98 -9.13 6.08
N TYR A 143 10.42 -8.93 7.33
CA TYR A 143 10.43 -10.03 8.27
C TYR A 143 9.01 -10.41 8.68
N TRP A 144 8.10 -9.44 8.74
CA TRP A 144 6.71 -9.68 9.06
C TRP A 144 5.85 -9.49 7.82
N ASN A 145 4.81 -10.32 7.68
CA ASN A 145 3.87 -10.14 6.60
C ASN A 145 2.95 -8.96 6.86
N ILE A 146 2.80 -8.08 5.88
CA ILE A 146 1.86 -6.97 5.95
C ILE A 146 0.49 -7.51 5.59
N SER A 147 -0.48 -7.31 6.47
CA SER A 147 -1.84 -7.81 6.29
C SER A 147 -2.88 -6.71 6.07
N LEU A 148 -2.47 -5.44 6.18
CA LEU A 148 -3.33 -4.30 5.97
C LEU A 148 -2.43 -3.14 5.61
N PHE A 149 -2.85 -2.33 4.64
CA PHE A 149 -2.12 -1.11 4.30
C PHE A 149 -3.14 -0.11 3.78
N HIS A 150 -3.08 1.10 4.31
CA HIS A 150 -3.89 2.19 3.80
C HIS A 150 -3.04 3.44 3.75
N TYR A 151 -3.01 4.09 2.58
CA TYR A 151 -2.22 5.29 2.39
C TYR A 151 -2.83 6.06 1.23
N ARG A 152 -3.13 7.34 1.47
CA ARG A 152 -3.47 8.28 0.42
C ARG A 152 -2.77 9.60 0.66
N SER A 153 -2.03 10.09 -0.33
CA SER A 153 -1.35 11.36 -0.17
C SER A 153 -2.34 12.51 -0.22
N HIS A 154 -2.11 13.51 0.64
CA HIS A 154 -2.91 14.73 0.66
C HIS A 154 -2.14 15.92 0.12
N GLY A 155 -1.04 15.66 -0.59
CA GLY A 155 -0.19 16.72 -1.10
C GLY A 155 0.63 17.43 -0.07
N THR A 156 0.70 16.87 1.14
CA THR A 156 1.39 17.50 2.26
C THR A 156 2.82 16.98 2.36
N ASP A 157 3.56 17.55 3.30
CA ASP A 157 4.97 17.23 3.43
C ASP A 157 5.18 15.81 3.91
N TYR A 158 4.23 15.26 4.68
CA TYR A 158 4.34 13.90 5.19
C TYR A 158 3.15 13.07 4.77
N GLY A 159 3.41 11.81 4.43
CA GLY A 159 2.39 10.84 4.14
C GLY A 159 2.07 10.04 5.39
N ARG A 160 0.79 9.70 5.54
CA ARG A 160 0.30 9.01 6.73
C ARG A 160 -0.17 7.61 6.34
N VAL A 161 0.42 6.62 6.94
CA VAL A 161 0.17 5.21 6.64
C VAL A 161 -0.48 4.54 7.84
N LEU A 162 -1.43 3.65 7.57
CA LEU A 162 -1.91 2.67 8.56
C LEU A 162 -1.53 1.30 8.02
N ALA A 163 -0.86 0.49 8.84
CA ALA A 163 -0.47 -0.84 8.38
C ALA A 163 -0.58 -1.82 9.52
N ALA A 164 -1.02 -3.02 9.20
CA ALA A 164 -1.02 -4.13 10.15
C ALA A 164 -0.07 -5.22 9.67
N PHE A 165 0.45 -5.98 10.62
CA PHE A 165 1.42 -7.03 10.39
C PHE A 165 0.97 -8.26 11.15
N GLU A 166 1.16 -9.41 10.54
CA GLU A 166 0.91 -10.63 11.27
C GLU A 166 2.02 -10.87 12.27
N LEU A 167 1.63 -11.30 13.47
CA LEU A 167 2.58 -11.47 14.56
C LEU A 167 3.69 -12.43 14.21
N GLY A 168 3.35 -13.54 13.55
CA GLY A 168 4.36 -14.57 13.33
C GLY A 168 4.88 -15.08 14.67
N ASP A 169 6.22 -15.17 14.78
CA ASP A 169 6.87 -15.80 15.92
C ASP A 169 7.51 -14.80 16.88
N HIS A 170 7.44 -13.50 16.56
CA HIS A 170 8.12 -12.50 17.36
C HIS A 170 7.31 -11.23 17.25
N GLU A 171 7.20 -10.52 18.35
CA GLU A 171 6.48 -9.27 18.34
C GLU A 171 7.12 -8.31 17.35
N PRO A 172 6.37 -7.74 16.45
CA PRO A 172 6.94 -6.71 15.57
C PRO A 172 7.62 -5.62 16.37
N ASP A 173 8.72 -5.12 15.81
CA ASP A 173 9.61 -4.19 16.48
C ASP A 173 9.46 -2.75 16.01
N PHE A 174 8.40 -2.44 15.27
CA PHE A 174 8.35 -1.18 14.53
C PHE A 174 8.39 0.03 15.43
N GLU A 175 7.72 -0.04 16.58
CA GLU A 175 7.63 1.17 17.39
C GLU A 175 8.96 1.53 18.01
N THR A 176 9.83 0.56 18.21
CA THR A 176 11.19 0.87 18.63
C THR A 176 12.05 1.26 17.43
N ARG A 177 12.12 0.38 16.44
CA ARG A 177 13.10 0.54 15.36
C ARG A 177 12.74 1.70 14.44
N LEU A 178 11.50 1.82 14.04
CA LEU A 178 11.16 2.84 13.05
C LEU A 178 11.31 4.24 13.61
N ASN A 179 10.99 4.43 14.90
CA ASN A 179 11.21 5.73 15.54
C ASN A 179 12.69 6.04 15.69
N GLU A 180 13.53 5.01 15.86
CA GLU A 180 14.98 5.23 15.87
C GLU A 180 15.50 5.65 14.50
N LEU A 181 14.76 5.36 13.42
CA LEU A 181 15.21 5.60 12.06
C LEU A 181 14.60 6.84 11.43
N GLY A 182 13.89 7.65 12.21
CA GLY A 182 13.36 8.90 11.70
C GLY A 182 12.00 8.80 11.07
N TYR A 183 11.29 7.69 11.24
CA TYR A 183 9.91 7.57 10.83
C TYR A 183 9.06 7.57 12.09
N ASP A 184 8.06 8.43 12.15
CA ASP A 184 7.12 8.39 13.28
C ASP A 184 6.35 7.08 13.19
N CYS A 185 6.17 6.42 14.35
CA CYS A 185 5.44 5.17 14.45
C CYS A 185 4.71 5.08 15.78
N HIS A 186 3.41 4.74 15.75
CA HIS A 186 2.65 4.52 16.96
C HIS A 186 1.88 3.21 16.87
N ASP A 187 1.84 2.47 17.98
CA ASP A 187 1.05 1.24 18.06
C ASP A 187 -0.43 1.59 18.20
N GLU A 188 -1.25 1.05 17.31
CA GLU A 188 -2.68 1.27 17.25
C GLU A 188 -3.47 -0.04 17.40
N THR A 189 -2.85 -1.10 17.90
CA THR A 189 -3.47 -2.44 17.88
C THR A 189 -4.84 -2.50 18.55
N ASN A 190 -5.07 -1.71 19.58
CA ASN A 190 -6.37 -1.75 20.25
C ASN A 190 -7.36 -0.71 19.73
N ASN A 191 -7.13 -0.19 18.54
CA ASN A 191 -7.97 0.87 18.04
C ASN A 191 -9.40 0.38 17.87
N PRO A 192 -10.40 1.13 18.35
CA PRO A 192 -11.78 0.64 18.27
C PRO A 192 -12.33 0.55 16.86
N ALA A 193 -11.91 1.45 15.96
CA ALA A 193 -12.39 1.37 14.58
C ALA A 193 -11.85 0.15 13.88
N PHE A 194 -10.56 -0.13 14.06
CA PHE A 194 -10.00 -1.37 13.53
C PHE A 194 -10.74 -2.59 14.08
N ARG A 195 -10.97 -2.63 15.39
CA ARG A 195 -11.62 -3.77 15.99
C ARG A 195 -13.03 -3.95 15.46
N PHE A 196 -13.74 -2.85 15.23
CA PHE A 196 -15.14 -2.93 14.79
C PHE A 196 -15.28 -3.34 13.34
N PHE A 197 -14.44 -2.80 12.43
CA PHE A 197 -14.62 -2.95 10.99
C PHE A 197 -13.66 -3.89 10.28
N LEU A 198 -12.49 -4.14 10.83
CA LEU A 198 -11.42 -4.78 10.08
C LEU A 198 -10.85 -6.04 10.73
N ALA A 199 -10.81 -6.10 12.04
CA ALA A 199 -10.16 -7.21 12.70
C ALA A 199 -10.94 -8.48 12.46
N GLY A 200 -10.22 -9.60 12.40
CA GLY A 200 -10.86 -10.89 12.23
C GLY A 200 -9.87 -12.02 12.27
N ILE B . 1.64 -9.35 2.42
CA ILE B . 2.46 -8.70 1.37
C ILE B . 3.70 -8.08 1.98
O ILE B . 4.49 -7.48 1.23
CB ILE B . 1.65 -7.70 0.51
CG1 ILE B . 1.18 -6.47 1.29
CG2 ILE B . 0.52 -8.44 -0.19
CD1 ILE B . 0.43 -5.47 0.45
OXT ILE B . 3.89 -8.22 3.23
H1 ILE B . 1.42 -8.83 3.07
H2 ILE B . 2.14 -10.06 2.85
H3 ILE B . 0.84 -9.69 2.04
HA ILE B . 2.76 -9.37 0.75
HB ILE B . 2.24 -7.33 -0.17
HG12 ILE B . 0.60 -6.76 2.01
HG13 ILE B . 1.96 -6.02 1.67
HG21 ILE B . 0.86 -9.29 -0.54
HG22 ILE B . 0.19 -7.91 -0.92
HG23 ILE B . -0.19 -8.62 0.45
HD11 ILE B . 0.31 -4.65 0.96
HD12 ILE B . -0.44 -5.84 0.22
HD13 ILE B . 0.93 -5.28 -0.35
C1 GOL C . -10.53 -6.67 -0.34
O1 GOL C . -10.87 -5.86 -1.45
C2 GOL C . -9.03 -7.06 -0.40
O2 GOL C . -8.78 -7.91 -1.45
C3 GOL C . -8.25 -5.76 -0.59
O3 GOL C . -6.87 -5.99 -0.64
H11 GOL C . -11.06 -7.49 -0.32
H12 GOL C . -10.70 -6.22 0.50
HO1 GOL C . -11.69 -5.67 -1.37
H2 GOL C . -8.79 -7.50 0.43
HO2 GOL C . -8.03 -8.28 -1.31
H31 GOL C . -8.50 -5.15 0.14
H32 GOL C . -8.58 -5.32 -1.39
HO3 GOL C . -6.75 -6.79 -0.40
#